data_4OY3
#
_entry.id   4OY3
#
_cell.length_a   80.733
_cell.length_b   80.733
_cell.length_c   67.199
_cell.angle_alpha   90.00
_cell.angle_beta   90.00
_cell.angle_gamma   120.00
#
_symmetry.space_group_name_H-M   'P 32 2 1'
#
loop_
_entity.id
_entity.type
_entity.pdbx_description
1 polymer 'Aminodeoxyfutalosine nucleosidase'
2 non-polymer S-ADENOSYL-L-HOMOCYSTEINE
3 non-polymer 'CHLORIDE ION'
4 water water
#
_entity_poly.entity_id   1
_entity_poly.type   'polypeptide(L)'
_entity_poly.pdbx_seq_one_letter_code
;MGQKIGILGAMREEITPILELFGVDFEEIPLGGNVFHKGVYHNKEIIVAYSKIGKVHSTLTTTSMILAFGVQKVLFSGVA
GSLVKDLKINDLLVATQLVQHDVDLSAFDHPLGFIPESAIFIETSGSLNALAKKIANEQHIALKEGVIASGDQFVHSKER
KEFLVSEFKASAVEMEGASVAFVCQKFGVPCCVLRSISNNADEKAGMSFDEFLEKSAHTSAKFLKSMVDEL
;
_entity_poly.pdbx_strand_id   A
#
loop_
_chem_comp.id
_chem_comp.type
_chem_comp.name
_chem_comp.formula
CL non-polymer 'CHLORIDE ION' 'Cl -1'
#
# COMPACT_ATOMS: atom_id res chain seq x y z
N GLY A 2 5.02 -23.37 1.45
CA GLY A 2 3.84 -22.53 1.35
C GLY A 2 3.89 -21.61 0.15
N GLN A 3 2.90 -20.74 0.03
CA GLN A 3 2.84 -19.82 -1.11
C GLN A 3 3.83 -18.65 -0.98
N LYS A 4 4.55 -18.37 -2.07
CA LYS A 4 5.53 -17.28 -2.19
C LYS A 4 4.86 -15.94 -2.06
N ILE A 5 5.41 -15.10 -1.20
CA ILE A 5 4.78 -13.83 -0.87
C ILE A 5 5.69 -12.67 -1.26
N GLY A 6 5.15 -11.73 -2.05
CA GLY A 6 5.82 -10.48 -2.30
C GLY A 6 5.40 -9.46 -1.27
N ILE A 7 6.38 -8.72 -0.75
CA ILE A 7 6.16 -7.70 0.24
C ILE A 7 6.77 -6.42 -0.29
N LEU A 8 5.94 -5.39 -0.40
CA LEU A 8 6.35 -4.13 -1.01
CA LEU A 8 6.35 -4.15 -1.02
C LEU A 8 6.15 -2.95 -0.09
N GLY A 9 7.11 -2.03 -0.13
CA GLY A 9 6.91 -0.68 0.34
C GLY A 9 7.26 0.28 -0.80
N ALA A 10 7.07 1.57 -0.60
CA ALA A 10 7.45 2.55 -1.63
C ALA A 10 8.85 3.09 -1.41
N MET A 11 9.23 3.28 -0.14
CA MET A 11 10.48 3.93 0.22
C MET A 11 11.35 2.98 1.01
N ARG A 12 12.65 3.19 1.01
CA ARG A 12 13.52 2.28 1.77
C ARG A 12 13.10 2.22 3.23
N GLU A 13 12.72 3.35 3.82
CA GLU A 13 12.37 3.38 5.24
C GLU A 13 11.16 2.50 5.56
N GLU A 14 10.33 2.19 4.56
CA GLU A 14 9.19 1.31 4.80
C GLU A 14 9.58 -0.15 4.80
N ILE A 15 10.69 -0.53 4.16
CA ILE A 15 11.05 -1.94 4.16
C ILE A 15 12.19 -2.27 5.11
N THR A 16 13.00 -1.30 5.53
CA THR A 16 14.04 -1.63 6.52
C THR A 16 13.44 -2.35 7.75
N PRO A 17 12.32 -1.86 8.32
CA PRO A 17 11.79 -2.60 9.47
C PRO A 17 11.27 -3.97 9.10
N ILE A 18 10.78 -4.14 7.87
CA ILE A 18 10.31 -5.47 7.44
C ILE A 18 11.46 -6.47 7.42
N LEU A 19 12.57 -6.09 6.82
CA LEU A 19 13.72 -6.97 6.74
C LEU A 19 14.18 -7.33 8.13
N GLU A 20 14.20 -6.34 9.02
N GLU A 20 14.20 -6.34 9.02
CA GLU A 20 14.64 -6.58 10.39
CA GLU A 20 14.64 -6.58 10.39
C GLU A 20 13.68 -7.50 11.13
C GLU A 20 13.68 -7.50 11.15
N LEU A 21 12.38 -7.28 11.00
CA LEU A 21 11.42 -8.07 11.72
C LEU A 21 11.41 -9.54 11.31
N PHE A 22 11.59 -9.81 10.02
CA PHE A 22 11.60 -11.21 9.60
C PHE A 22 12.90 -11.87 10.06
N GLY A 23 14.00 -11.11 10.06
CA GLY A 23 15.26 -11.54 10.65
C GLY A 23 16.00 -12.69 9.98
N VAL A 24 15.58 -13.07 8.80
CA VAL A 24 16.22 -14.15 8.07
C VAL A 24 17.29 -13.64 7.13
N ASP A 25 18.08 -14.54 6.58
CA ASP A 25 19.04 -14.19 5.56
CA ASP A 25 19.05 -14.16 5.56
C ASP A 25 18.34 -13.79 4.27
N PHE A 26 18.72 -12.66 3.71
CA PHE A 26 18.16 -12.22 2.45
C PHE A 26 19.26 -12.18 1.38
N GLU A 27 18.95 -12.73 0.21
CA GLU A 27 19.76 -12.55 -0.98
C GLU A 27 19.26 -11.33 -1.75
N GLU A 28 20.16 -10.42 -2.08
CA GLU A 28 19.81 -9.22 -2.83
C GLU A 28 19.95 -9.47 -4.32
N ILE A 29 18.87 -9.23 -5.05
CA ILE A 29 18.79 -9.50 -6.48
C ILE A 29 18.34 -8.25 -7.21
N PRO A 30 19.20 -7.66 -8.03
CA PRO A 30 18.83 -6.45 -8.77
C PRO A 30 18.03 -6.77 -10.02
N LEU A 31 17.00 -5.99 -10.29
CA LEU A 31 16.25 -6.14 -11.53
C LEU A 31 15.45 -4.88 -11.79
N GLY A 32 15.57 -4.28 -12.98
CA GLY A 32 14.72 -3.18 -13.37
C GLY A 32 14.83 -1.96 -12.51
N GLY A 33 16.00 -1.73 -11.92
CA GLY A 33 16.17 -0.57 -11.06
C GLY A 33 15.76 -0.77 -9.62
N ASN A 34 15.30 -1.97 -9.27
CA ASN A 34 14.93 -2.31 -7.91
C ASN A 34 15.92 -3.33 -7.35
N VAL A 35 15.95 -3.45 -6.04
CA VAL A 35 16.68 -4.51 -5.36
C VAL A 35 15.66 -5.37 -4.62
N PHE A 36 15.61 -6.64 -4.98
CA PHE A 36 14.70 -7.59 -4.36
C PHE A 36 15.45 -8.41 -3.32
N HIS A 37 14.86 -8.55 -2.15
CA HIS A 37 15.45 -9.28 -1.05
C HIS A 37 14.70 -10.59 -0.92
N LYS A 38 15.40 -11.69 -1.20
CA LYS A 38 14.78 -13.00 -1.27
C LYS A 38 15.20 -13.83 -0.05
N GLY A 39 14.22 -14.33 0.70
CA GLY A 39 14.50 -15.12 1.88
C GLY A 39 13.46 -16.18 2.08
N VAL A 40 13.66 -16.97 3.13
CA VAL A 40 12.72 -18.01 3.49
C VAL A 40 12.32 -17.78 4.93
N TYR A 41 11.01 -17.79 5.18
CA TYR A 41 10.46 -17.54 6.48
C TYR A 41 9.30 -18.47 6.74
N HIS A 42 9.39 -19.26 7.80
CA HIS A 42 8.33 -20.22 8.14
C HIS A 42 7.83 -21.00 6.91
N ASN A 43 8.76 -21.58 6.15
CA ASN A 43 8.40 -22.43 5.01
C ASN A 43 7.75 -21.68 3.85
N LYS A 44 7.88 -20.36 3.86
CA LYS A 44 7.45 -19.51 2.74
C LYS A 44 8.62 -18.75 2.16
N GLU A 45 8.66 -18.65 0.85
CA GLU A 45 9.61 -17.75 0.23
C GLU A 45 9.03 -16.36 0.31
N ILE A 46 9.82 -15.39 0.77
CA ILE A 46 9.39 -14.00 0.80
C ILE A 46 10.33 -13.17 -0.05
N ILE A 47 9.73 -12.28 -0.84
CA ILE A 47 10.47 -11.39 -1.71
C ILE A 47 10.10 -9.97 -1.31
N VAL A 48 11.07 -9.20 -0.81
CA VAL A 48 10.81 -7.86 -0.28
C VAL A 48 11.50 -6.81 -1.13
N ALA A 49 10.80 -5.72 -1.47
CA ALA A 49 11.45 -4.61 -2.17
C ALA A 49 10.75 -3.32 -1.82
N TYR A 50 11.46 -2.19 -1.97
CA TYR A 50 10.75 -0.91 -2.07
C TYR A 50 10.74 -0.50 -3.53
N SER A 51 9.62 0.04 -3.99
CA SER A 51 9.47 0.31 -5.42
C SER A 51 10.11 1.61 -5.89
N LYS A 52 10.26 2.56 -4.96
CA LYS A 52 10.41 4.00 -5.20
C LYS A 52 9.01 4.59 -5.40
N ILE A 53 8.90 5.90 -5.24
CA ILE A 53 7.62 6.55 -5.04
C ILE A 53 6.81 6.67 -6.33
N GLY A 54 5.49 6.52 -6.19
CA GLY A 54 4.58 6.87 -7.25
C GLY A 54 4.13 5.73 -8.12
N LYS A 55 3.25 6.07 -9.07
CA LYS A 55 2.50 5.04 -9.79
CA LYS A 55 2.52 4.98 -9.70
C LYS A 55 3.35 4.25 -10.76
N VAL A 56 4.21 4.92 -11.53
CA VAL A 56 5.02 4.19 -12.52
C VAL A 56 6.01 3.25 -11.79
N HIS A 57 6.71 3.78 -10.80
CA HIS A 57 7.65 2.96 -10.04
C HIS A 57 6.94 1.72 -9.49
N SER A 58 5.80 1.93 -8.80
CA SER A 58 5.18 0.79 -8.13
C SER A 58 4.53 -0.19 -9.11
N THR A 59 4.04 0.30 -10.25
CA THR A 59 3.52 -0.60 -11.27
C THR A 59 4.66 -1.52 -11.78
N LEU A 60 5.81 -0.90 -12.10
CA LEU A 60 6.94 -1.65 -12.60
C LEU A 60 7.33 -2.74 -11.59
N THR A 61 7.53 -2.33 -10.33
CA THR A 61 8.06 -3.29 -9.36
C THR A 61 7.08 -4.43 -9.11
N THR A 62 5.78 -4.11 -9.06
CA THR A 62 4.78 -5.15 -8.83
C THR A 62 4.77 -6.15 -9.97
N THR A 63 4.85 -5.63 -11.19
CA THR A 63 4.88 -6.46 -12.39
C THR A 63 6.13 -7.36 -12.36
N SER A 64 7.29 -6.80 -11.99
CA SER A 64 8.49 -7.62 -11.82
C SER A 64 8.33 -8.71 -10.78
N MET A 65 7.74 -8.38 -9.63
CA MET A 65 7.52 -9.39 -8.60
CA MET A 65 7.49 -9.34 -8.59
C MET A 65 6.74 -10.56 -9.14
N ILE A 66 5.71 -10.27 -9.89
CA ILE A 66 4.83 -11.32 -10.41
C ILE A 66 5.52 -12.08 -11.55
N LEU A 67 6.05 -11.37 -12.54
CA LEU A 67 6.60 -12.06 -13.72
C LEU A 67 7.96 -12.67 -13.50
N ALA A 68 8.83 -11.98 -12.76
CA ALA A 68 10.20 -12.46 -12.62
C ALA A 68 10.38 -13.33 -11.38
N PHE A 69 9.60 -13.11 -10.33
CA PHE A 69 9.81 -13.86 -9.11
C PHE A 69 8.65 -14.83 -8.82
N GLY A 70 7.56 -14.75 -9.57
CA GLY A 70 6.47 -15.69 -9.40
C GLY A 70 5.74 -15.60 -8.07
N VAL A 71 5.65 -14.41 -7.49
CA VAL A 71 4.93 -14.33 -6.21
C VAL A 71 3.46 -14.67 -6.39
N GLN A 72 2.89 -15.24 -5.33
CA GLN A 72 1.52 -15.73 -5.36
C GLN A 72 0.55 -14.83 -4.61
N LYS A 73 1.08 -13.87 -3.88
CA LYS A 73 0.28 -12.83 -3.24
C LYS A 73 1.21 -11.66 -3.01
N VAL A 74 0.64 -10.45 -2.92
CA VAL A 74 1.41 -9.25 -2.68
C VAL A 74 0.79 -8.52 -1.49
N LEU A 75 1.63 -8.21 -0.51
CA LEU A 75 1.24 -7.41 0.65
C LEU A 75 2.03 -6.12 0.58
N PHE A 76 1.36 -4.98 0.60
CA PHE A 76 2.00 -3.69 0.60
C PHE A 76 1.92 -3.08 1.98
N SER A 77 3.02 -2.48 2.45
CA SER A 77 3.10 -1.81 3.75
C SER A 77 3.71 -0.45 3.58
N GLY A 78 3.11 0.58 4.19
CA GLY A 78 3.73 1.89 4.15
C GLY A 78 2.91 2.94 4.85
N VAL A 79 3.21 4.21 4.57
CA VAL A 79 2.59 5.33 5.28
C VAL A 79 1.63 6.08 4.37
N ALA A 80 0.70 6.81 4.96
CA ALA A 80 -0.32 7.49 4.18
C ALA A 80 -0.80 8.74 4.90
N GLY A 81 -1.56 9.56 4.18
CA GLY A 81 -2.21 10.73 4.75
C GLY A 81 -3.67 10.43 5.05
N SER A 82 -4.14 10.87 6.22
CA SER A 82 -5.50 10.68 6.60
C SER A 82 -6.44 11.70 5.99
N LEU A 83 -7.61 11.24 5.54
CA LEU A 83 -8.68 12.08 5.04
C LEU A 83 -9.90 12.10 5.94
N VAL A 84 -9.88 11.37 7.05
CA VAL A 84 -11.05 11.24 7.90
C VAL A 84 -10.64 11.35 9.37
N LYS A 85 -11.49 12.00 10.17
CA LYS A 85 -11.11 12.36 11.52
C LYS A 85 -10.75 11.16 12.39
N ASP A 86 -11.38 10.02 12.12
CA ASP A 86 -11.19 8.83 12.96
C ASP A 86 -9.91 8.08 12.64
N LEU A 87 -9.21 8.47 11.57
CA LEU A 87 -7.89 7.91 11.29
C LEU A 87 -6.84 8.89 11.81
N LYS A 88 -6.31 8.57 12.98
CA LYS A 88 -5.32 9.39 13.66
C LYS A 88 -3.91 9.02 13.23
N ILE A 89 -2.93 9.87 13.54
CA ILE A 89 -1.54 9.50 13.34
C ILE A 89 -1.29 8.14 13.99
N ASN A 90 -0.61 7.26 13.26
CA ASN A 90 -0.20 5.91 13.68
C ASN A 90 -1.29 4.87 13.47
N ASP A 91 -2.52 5.30 13.21
CA ASP A 91 -3.58 4.33 12.97
C ASP A 91 -3.37 3.58 11.66
N LEU A 92 -3.88 2.35 11.63
CA LEU A 92 -3.78 1.49 10.46
C LEU A 92 -5.10 1.43 9.67
N LEU A 93 -4.97 1.26 8.36
CA LEU A 93 -6.13 0.88 7.57
C LEU A 93 -5.70 -0.09 6.47
N VAL A 94 -6.66 -0.90 6.05
CA VAL A 94 -6.51 -1.66 4.82
C VAL A 94 -7.47 -1.14 3.78
N ALA A 95 -7.04 -1.17 2.53
CA ALA A 95 -7.85 -0.66 1.45
C ALA A 95 -8.82 -1.71 0.97
N THR A 96 -10.10 -1.43 1.11
N THR A 96 -10.11 -1.44 1.11
CA THR A 96 -11.13 -2.28 0.52
CA THR A 96 -11.12 -2.29 0.52
C THR A 96 -11.17 -2.09 -1.00
C THR A 96 -11.12 -2.10 -1.01
N GLN A 97 -11.01 -0.86 -1.43
CA GLN A 97 -10.95 -0.50 -2.84
C GLN A 97 -9.97 0.63 -2.96
N LEU A 98 -9.38 0.77 -4.14
CA LEU A 98 -8.48 1.86 -4.42
C LEU A 98 -8.87 2.56 -5.72
N VAL A 99 -8.52 3.82 -5.83
N VAL A 99 -8.53 3.84 -5.81
CA VAL A 99 -8.79 4.59 -7.04
CA VAL A 99 -8.74 4.66 -7.01
C VAL A 99 -7.56 5.42 -7.38
C VAL A 99 -7.48 5.39 -7.39
N GLN A 100 -7.35 5.68 -8.68
CA GLN A 100 -6.34 6.62 -9.14
C GLN A 100 -6.97 8.00 -9.21
N HIS A 101 -6.75 8.81 -8.17
CA HIS A 101 -7.55 10.03 -8.01
C HIS A 101 -7.17 11.14 -8.96
N ASP A 102 -6.03 11.01 -9.63
CA ASP A 102 -5.56 12.05 -10.54
C ASP A 102 -5.85 11.74 -12.01
N VAL A 103 -6.56 10.65 -12.28
CA VAL A 103 -6.92 10.31 -13.64
C VAL A 103 -8.09 11.19 -14.09
N ASP A 104 -7.95 11.88 -15.21
CA ASP A 104 -8.96 12.83 -15.68
C ASP A 104 -9.11 12.77 -17.19
N LEU A 105 -10.15 12.06 -17.63
CA LEU A 105 -10.54 12.05 -19.03
CA LEU A 105 -10.56 12.04 -19.03
C LEU A 105 -11.94 12.71 -19.17
N SER A 106 -12.18 13.70 -18.31
CA SER A 106 -13.45 14.41 -18.32
C SER A 106 -13.70 15.12 -19.66
N ALA A 107 -12.67 15.38 -20.46
CA ALA A 107 -12.87 15.99 -21.77
C ALA A 107 -13.76 15.13 -22.67
N PHE A 108 -13.79 13.83 -22.42
CA PHE A 108 -14.63 12.89 -23.16
C PHE A 108 -15.81 12.42 -22.32
N ASP A 109 -16.13 13.18 -21.29
CA ASP A 109 -17.28 12.90 -20.41
C ASP A 109 -17.11 11.64 -19.59
N HIS A 110 -15.89 11.20 -19.37
CA HIS A 110 -15.69 10.10 -18.44
C HIS A 110 -15.69 10.59 -16.99
N PRO A 111 -16.28 9.79 -16.08
CA PRO A 111 -16.14 10.09 -14.65
C PRO A 111 -14.66 10.21 -14.27
N LEU A 112 -14.36 11.08 -13.32
CA LEU A 112 -12.99 11.17 -12.83
C LEU A 112 -12.55 9.83 -12.24
N GLY A 113 -11.30 9.47 -12.50
CA GLY A 113 -10.79 8.19 -12.03
C GLY A 113 -10.94 7.07 -13.05
N PHE A 114 -11.80 7.25 -14.05
CA PHE A 114 -12.11 6.20 -15.02
C PHE A 114 -11.22 6.27 -16.26
N ILE A 115 -10.77 5.10 -16.70
CA ILE A 115 -10.09 4.95 -17.98
C ILE A 115 -10.84 3.88 -18.78
N PRO A 116 -11.09 4.12 -20.07
CA PRO A 116 -11.70 3.11 -20.94
C PRO A 116 -10.99 1.77 -20.79
N GLU A 117 -11.79 0.72 -20.76
CA GLU A 117 -11.36 -0.68 -20.66
C GLU A 117 -10.81 -0.94 -19.27
N SER A 118 -11.19 -0.09 -18.31
CA SER A 118 -10.83 -0.32 -16.92
C SER A 118 -12.03 0.01 -16.01
N ALA A 119 -11.76 0.46 -14.79
CA ALA A 119 -12.81 0.75 -13.81
C ALA A 119 -12.28 1.80 -12.86
N ILE A 120 -13.18 2.57 -12.24
CA ILE A 120 -12.75 3.54 -11.23
C ILE A 120 -12.09 2.85 -10.03
N PHE A 121 -12.77 1.85 -9.48
CA PHE A 121 -12.28 1.21 -8.26
C PHE A 121 -11.63 -0.11 -8.55
N ILE A 122 -10.53 -0.32 -7.88
CA ILE A 122 -9.77 -1.55 -7.94
CA ILE A 122 -9.76 -1.54 -7.94
C ILE A 122 -9.98 -2.31 -6.65
N GLU A 123 -10.25 -3.61 -6.76
CA GLU A 123 -10.51 -4.46 -5.60
C GLU A 123 -9.23 -5.11 -5.05
N THR A 124 -9.26 -5.43 -3.77
CA THR A 124 -8.22 -6.16 -3.07
C THR A 124 -8.84 -7.44 -2.53
N SER A 125 -8.04 -8.24 -1.85
CA SER A 125 -8.46 -9.55 -1.38
C SER A 125 -9.34 -9.44 -0.14
N GLY A 126 -10.59 -9.85 -0.25
CA GLY A 126 -11.44 -9.85 0.94
C GLY A 126 -10.90 -10.79 2.00
N SER A 127 -10.27 -11.88 1.61
CA SER A 127 -9.71 -12.82 2.58
C SER A 127 -8.58 -12.18 3.38
N LEU A 128 -7.64 -11.52 2.69
CA LEU A 128 -6.53 -10.90 3.40
C LEU A 128 -7.02 -9.72 4.26
N ASN A 129 -7.99 -8.95 3.75
CA ASN A 129 -8.50 -7.85 4.56
C ASN A 129 -9.22 -8.37 5.79
N ALA A 130 -9.95 -9.47 5.66
CA ALA A 130 -10.66 -10.07 6.80
C ALA A 130 -9.65 -10.61 7.81
N LEU A 131 -8.56 -11.19 7.32
CA LEU A 131 -7.50 -11.64 8.19
C LEU A 131 -6.92 -10.47 8.96
N ALA A 132 -6.62 -9.36 8.28
CA ALA A 132 -6.12 -8.17 8.94
C ALA A 132 -7.06 -7.71 10.05
N LYS A 133 -8.36 -7.69 9.76
CA LYS A 133 -9.31 -7.23 10.76
C LYS A 133 -9.35 -8.16 11.97
N LYS A 134 -9.28 -9.47 11.74
CA LYS A 134 -9.25 -10.40 12.88
C LYS A 134 -8.00 -10.21 13.72
N ILE A 135 -6.84 -10.04 13.08
CA ILE A 135 -5.60 -9.84 13.82
C ILE A 135 -5.67 -8.55 14.62
N ALA A 136 -6.18 -7.48 14.03
CA ALA A 136 -6.31 -6.22 14.74
C ALA A 136 -7.26 -6.35 15.95
N ASN A 137 -8.40 -7.00 15.76
CA ASN A 137 -9.32 -7.24 16.86
C ASN A 137 -8.64 -8.04 17.97
N GLU A 138 -7.87 -9.08 17.61
CA GLU A 138 -7.15 -9.89 18.63
C GLU A 138 -5.99 -9.18 19.33
N GLN A 139 -5.29 -8.32 18.58
CA GLN A 139 -4.25 -7.47 19.14
C GLN A 139 -4.86 -6.32 19.93
N HIS A 140 -6.17 -6.19 19.92
CA HIS A 140 -6.88 -5.06 20.53
C HIS A 140 -6.39 -3.70 20.07
N ILE A 141 -6.37 -3.54 18.75
CA ILE A 141 -6.06 -2.27 18.16
C ILE A 141 -7.08 -1.99 17.05
N ALA A 142 -7.23 -0.71 16.69
CA ALA A 142 -8.17 -0.32 15.66
C ALA A 142 -7.63 -0.70 14.28
N LEU A 143 -8.53 -0.97 13.34
CA LEU A 143 -8.13 -1.11 11.94
C LEU A 143 -9.29 -0.66 11.08
N LYS A 144 -9.09 0.41 10.33
CA LYS A 144 -10.13 0.87 9.43
C LYS A 144 -10.06 0.12 8.09
N GLU A 145 -11.22 -0.10 7.49
CA GLU A 145 -11.36 -0.69 6.17
C GLU A 145 -12.02 0.32 5.27
N GLY A 146 -11.33 0.83 4.26
CA GLY A 146 -11.95 1.88 3.45
C GLY A 146 -11.26 2.07 2.11
N VAL A 147 -11.65 3.13 1.42
CA VAL A 147 -11.12 3.46 0.12
C VAL A 147 -9.81 4.24 0.27
N ILE A 148 -8.79 3.83 -0.48
CA ILE A 148 -7.56 4.60 -0.57
C ILE A 148 -7.49 5.22 -1.94
N ALA A 149 -7.20 6.52 -1.95
CA ALA A 149 -6.95 7.25 -3.17
C ALA A 149 -5.45 7.35 -3.42
N SER A 150 -5.02 7.03 -4.64
CA SER A 150 -3.60 7.11 -5.00
C SER A 150 -3.42 8.01 -6.21
N GLY A 151 -2.35 8.79 -6.21
CA GLY A 151 -2.02 9.67 -7.32
C GLY A 151 -0.56 10.03 -7.24
N ASP A 152 -0.08 10.77 -8.24
CA ASP A 152 1.33 11.13 -8.33
C ASP A 152 1.64 12.51 -7.76
N GLN A 153 0.86 12.92 -6.77
CA GLN A 153 1.12 14.17 -6.03
C GLN A 153 1.07 13.88 -4.55
N PHE A 154 1.94 14.55 -3.80
CA PHE A 154 1.82 14.54 -2.35
C PHE A 154 0.73 15.51 -1.99
N VAL A 155 -0.31 15.06 -1.31
CA VAL A 155 -1.47 15.90 -1.01
C VAL A 155 -1.26 16.62 0.32
N HIS A 156 -1.41 17.95 0.28
CA HIS A 156 -1.10 18.79 1.44
C HIS A 156 -1.94 20.05 1.39
N SER A 157 -3.23 19.90 1.13
CA SER A 157 -4.14 21.04 1.09
C SER A 157 -5.56 20.59 1.44
N LYS A 158 -6.29 21.49 2.13
CA LYS A 158 -7.69 21.24 2.41
C LYS A 158 -8.51 21.04 1.14
N GLU A 159 -8.21 21.82 0.10
CA GLU A 159 -9.01 21.75 -1.12
C GLU A 159 -8.89 20.37 -1.75
N ARG A 160 -7.68 19.84 -1.84
CA ARG A 160 -7.54 18.53 -2.48
C ARG A 160 -8.13 17.44 -1.57
N LYS A 161 -7.96 17.56 -0.25
CA LYS A 161 -8.62 16.61 0.66
C LYS A 161 -10.13 16.59 0.42
N GLU A 162 -10.73 17.77 0.31
CA GLU A 162 -12.17 17.87 0.14
C GLU A 162 -12.59 17.21 -1.16
N PHE A 163 -11.79 17.36 -2.21
CA PHE A 163 -12.08 16.68 -3.47
C PHE A 163 -12.06 15.16 -3.31
N LEU A 164 -11.03 14.65 -2.63
CA LEU A 164 -10.88 13.20 -2.49
C LEU A 164 -12.04 12.60 -1.72
N VAL A 165 -12.45 13.29 -0.65
CA VAL A 165 -13.59 12.83 0.13
C VAL A 165 -14.91 12.94 -0.65
N SER A 166 -15.13 14.07 -1.31
CA SER A 166 -16.35 14.31 -2.07
CA SER A 166 -16.40 14.26 -2.02
C SER A 166 -16.49 13.38 -3.27
N GLU A 167 -15.41 13.24 -4.02
CA GLU A 167 -15.48 12.50 -5.28
C GLU A 167 -15.44 10.99 -5.09
N PHE A 168 -14.60 10.53 -4.14
CA PHE A 168 -14.32 9.09 -4.04
C PHE A 168 -14.64 8.49 -2.67
N LYS A 169 -15.05 9.32 -1.70
CA LYS A 169 -15.27 8.89 -0.32
C LYS A 169 -14.03 8.16 0.20
N ALA A 170 -12.86 8.69 -0.14
CA ALA A 170 -11.62 8.09 0.31
C ALA A 170 -11.37 8.37 1.79
N SER A 171 -10.69 7.41 2.43
CA SER A 171 -10.29 7.52 3.84
C SER A 171 -8.82 7.92 4.02
N ALA A 172 -7.99 7.63 3.02
CA ALA A 172 -6.57 7.96 3.09
C ALA A 172 -6.06 8.20 1.69
N VAL A 173 -4.91 8.84 1.60
CA VAL A 173 -4.29 9.18 0.32
C VAL A 173 -2.82 8.80 0.34
N GLU A 174 -2.35 8.31 -0.81
CA GLU A 174 -0.95 7.88 -0.95
C GLU A 174 -0.64 7.83 -2.43
N MET A 175 0.49 7.26 -2.82
CA MET A 175 0.98 7.40 -4.20
C MET A 175 1.26 6.07 -4.87
N GLU A 176 0.95 4.92 -4.25
CA GLU A 176 1.28 3.63 -4.85
C GLU A 176 0.21 2.55 -4.75
N GLY A 177 -0.73 2.67 -3.79
CA GLY A 177 -1.60 1.54 -3.54
C GLY A 177 -2.41 1.12 -4.76
N ALA A 178 -3.03 2.09 -5.44
CA ALA A 178 -3.91 1.74 -6.53
C ALA A 178 -3.14 1.03 -7.63
N SER A 179 -1.94 1.49 -7.93
CA SER A 179 -1.16 0.87 -8.99
C SER A 179 -0.70 -0.55 -8.62
N VAL A 180 -0.29 -0.78 -7.37
CA VAL A 180 0.03 -2.12 -6.91
C VAL A 180 -1.18 -3.04 -7.05
N ALA A 181 -2.31 -2.59 -6.50
CA ALA A 181 -3.52 -3.41 -6.51
C ALA A 181 -3.98 -3.65 -7.96
N PHE A 182 -3.83 -2.66 -8.82
CA PHE A 182 -4.23 -2.79 -10.22
C PHE A 182 -3.44 -3.92 -10.90
N VAL A 183 -2.12 -3.87 -10.77
CA VAL A 183 -1.29 -4.89 -11.38
C VAL A 183 -1.69 -6.27 -10.87
N CYS A 184 -1.87 -6.38 -9.55
CA CYS A 184 -2.24 -7.68 -8.98
C CYS A 184 -3.56 -8.18 -9.58
N GLN A 185 -4.54 -7.30 -9.72
CA GLN A 185 -5.79 -7.72 -10.32
C GLN A 185 -5.61 -8.20 -11.74
N LYS A 186 -4.77 -7.54 -12.52
CA LYS A 186 -4.60 -7.94 -13.92
C LYS A 186 -3.99 -9.31 -14.04
N PHE A 187 -3.16 -9.71 -13.08
CA PHE A 187 -2.51 -11.00 -13.12
C PHE A 187 -3.19 -12.03 -12.25
N GLY A 188 -4.29 -11.67 -11.59
CA GLY A 188 -5.01 -12.60 -10.74
C GLY A 188 -4.29 -12.99 -9.47
N VAL A 189 -3.53 -12.05 -8.92
CA VAL A 189 -2.74 -12.28 -7.73
C VAL A 189 -3.39 -11.57 -6.54
N PRO A 190 -3.67 -12.28 -5.44
CA PRO A 190 -4.28 -11.62 -4.27
C PRO A 190 -3.38 -10.51 -3.74
N CYS A 191 -4.02 -9.45 -3.29
CA CYS A 191 -3.31 -8.26 -2.82
C CYS A 191 -3.98 -7.69 -1.58
N CYS A 192 -3.14 -7.20 -0.69
CA CYS A 192 -3.61 -6.40 0.45
C CYS A 192 -2.76 -5.16 0.53
N VAL A 193 -3.38 -4.00 0.66
CA VAL A 193 -2.67 -2.73 0.81
C VAL A 193 -2.95 -2.22 2.23
N LEU A 194 -1.90 -2.18 3.04
CA LEU A 194 -1.92 -1.77 4.43
C LEU A 194 -1.20 -0.44 4.56
N ARG A 195 -1.76 0.52 5.28
CA ARG A 195 -1.08 1.80 5.50
C ARG A 195 -1.22 2.23 6.94
N SER A 196 -0.19 2.89 7.46
CA SER A 196 -0.26 3.60 8.74
C SER A 196 -0.21 5.10 8.48
N ILE A 197 -1.09 5.83 9.15
CA ILE A 197 -1.15 7.29 8.97
C ILE A 197 0.08 7.96 9.54
N SER A 198 0.69 8.85 8.77
CA SER A 198 1.77 9.68 9.28
C SER A 198 1.52 11.18 9.18
N ASN A 199 0.38 11.58 8.59
CA ASN A 199 0.07 13.00 8.40
C ASN A 199 -1.39 13.12 8.03
N ASN A 200 -1.89 14.35 8.00
CA ASN A 200 -3.29 14.63 7.70
C ASN A 200 -3.53 15.25 6.35
N ALA A 201 -2.53 15.12 5.45
CA ALA A 201 -2.72 15.49 4.02
C ALA A 201 -3.13 16.95 3.85
N ASP A 202 -2.78 17.77 4.84
CA ASP A 202 -3.13 19.18 4.88
C ASP A 202 -1.88 20.03 4.77
N GLU A 203 -2.00 21.32 5.07
CA GLU A 203 -0.91 22.22 4.80
C GLU A 203 0.34 21.88 5.63
N LYS A 204 0.17 21.24 6.79
CA LYS A 204 1.27 20.79 7.65
C LYS A 204 1.78 19.39 7.38
N ALA A 205 1.33 18.78 6.28
CA ALA A 205 1.59 17.37 6.09
C ALA A 205 3.06 17.05 5.87
N GLY A 206 3.82 17.94 5.25
CA GLY A 206 5.22 17.64 5.00
C GLY A 206 5.99 17.45 6.31
N MET A 207 5.77 18.37 7.23
CA MET A 207 6.47 18.33 8.50
CA MET A 207 6.47 18.32 8.51
C MET A 207 6.00 17.10 9.33
N SER A 208 4.72 16.79 9.29
CA SER A 208 4.21 15.63 9.99
C SER A 208 4.78 14.34 9.39
N PHE A 209 4.79 14.28 8.06
CA PHE A 209 5.36 13.14 7.37
C PHE A 209 6.77 12.86 7.90
N ASP A 210 7.58 13.91 8.00
CA ASP A 210 8.95 13.70 8.46
C ASP A 210 9.03 13.28 9.93
N GLU A 211 8.19 13.89 10.75
CA GLU A 211 8.16 13.58 12.16
C GLU A 211 7.80 12.09 12.40
N PHE A 212 6.85 11.56 11.62
CA PHE A 212 6.31 10.24 11.93
C PHE A 212 6.68 9.13 10.98
N LEU A 213 7.53 9.40 9.99
CA LEU A 213 7.87 8.37 9.02
C LEU A 213 8.36 7.08 9.70
N GLU A 214 9.32 7.20 10.62
CA GLU A 214 9.95 6.02 11.18
C GLU A 214 8.93 5.20 12.00
N LYS A 215 8.19 5.89 12.86
CA LYS A 215 7.25 5.17 13.70
C LYS A 215 6.10 4.58 12.88
N SER A 216 5.50 5.37 11.99
CA SER A 216 4.37 4.86 11.21
C SER A 216 4.82 3.72 10.30
N ALA A 217 6.04 3.83 9.73
CA ALA A 217 6.53 2.74 8.88
C ALA A 217 6.69 1.48 9.72
N HIS A 218 7.19 1.60 10.95
CA HIS A 218 7.33 0.43 11.79
C HIS A 218 5.97 -0.15 12.18
N THR A 219 5.02 0.72 12.50
CA THR A 219 3.68 0.27 12.84
C THR A 219 3.07 -0.59 11.73
N SER A 220 3.18 -0.12 10.49
CA SER A 220 2.68 -0.90 9.38
C SER A 220 3.46 -2.22 9.21
N ALA A 221 4.79 -2.12 9.31
CA ALA A 221 5.64 -3.29 9.09
C ALA A 221 5.34 -4.39 10.13
N LYS A 222 5.19 -4.00 11.39
CA LYS A 222 4.86 -4.96 12.45
CA LYS A 222 4.88 -4.94 12.43
C LYS A 222 3.56 -5.64 12.17
N PHE A 223 2.59 -4.89 11.68
CA PHE A 223 1.29 -5.47 11.41
C PHE A 223 1.37 -6.40 10.21
N LEU A 224 2.09 -6.01 9.17
CA LEU A 224 2.28 -6.90 8.03
C LEU A 224 2.93 -8.22 8.45
N LYS A 225 3.97 -8.15 9.28
CA LYS A 225 4.60 -9.37 9.77
C LYS A 225 3.57 -10.23 10.51
N SER A 226 2.72 -9.61 11.31
CA SER A 226 1.73 -10.41 12.05
CA SER A 226 1.66 -10.33 12.03
C SER A 226 0.75 -11.10 11.08
N MET A 227 0.46 -10.49 9.94
CA MET A 227 -0.35 -11.16 8.91
C MET A 227 0.39 -12.36 8.32
N VAL A 228 1.66 -12.17 7.96
CA VAL A 228 2.42 -13.25 7.37
C VAL A 228 2.51 -14.43 8.34
N ASP A 229 2.57 -14.15 9.64
CA ASP A 229 2.62 -15.20 10.65
C ASP A 229 1.36 -16.05 10.68
N GLU A 230 0.26 -15.56 10.11
CA GLU A 230 -0.99 -16.32 10.03
C GLU A 230 -1.22 -16.94 8.67
N LEU A 231 -0.30 -16.74 7.73
CA LEU A 231 -0.42 -17.26 6.38
C LEU A 231 0.38 -18.53 6.16
N SAH B . 9.62 13.12 1.79
CA SAH B . 9.96 12.22 0.68
CB SAH B . 8.86 12.09 -0.37
CG SAH B . 7.64 11.36 0.17
SD SAH B . 6.31 11.28 -1.06
C SAH B . 11.18 12.81 0.00
O SAH B . 12.04 12.06 -0.43
OXT SAH B . 11.27 14.03 -0.15
C5' SAH B . 5.04 10.53 -0.01
C4' SAH B . 5.20 9.02 0.19
O4' SAH B . 4.45 8.61 1.33
C3' SAH B . 4.63 8.20 -0.97
O3' SAH B . 5.28 6.95 -1.05
C2' SAH B . 3.15 8.10 -0.57
O2' SAH B . 2.51 6.89 -0.97
C1' SAH B . 3.10 8.26 0.96
N9 SAH B . 2.21 9.35 1.44
C8 SAH B . 2.13 9.64 2.77
N7 SAH B . 1.34 10.70 3.00
C5 SAH B . 0.94 11.15 1.78
C6 SAH B . 0.16 12.24 1.39
N6 SAH B . -0.34 13.15 2.25
N1 SAH B . -0.06 12.41 0.05
C2 SAH B . 0.46 11.53 -0.87
N3 SAH B . 1.22 10.46 -0.52
C4 SAH B . 1.47 10.29 0.79
CL CL C . -2.54 19.28 -2.34
#